data_6QMQ
#
_entry.id   6QMQ
#
_cell.length_a   45.010
_cell.length_b   52.210
_cell.length_c   72.990
_cell.angle_alpha   90.000
_cell.angle_beta   90.000
_cell.angle_gamma   90.000
#
_symmetry.space_group_name_H-M   'P 21 21 21'
#
loop_
_entity.id
_entity.type
_entity.pdbx_description
1 polymer 'Nuclear transcription factor Y subunit alpha'
2 polymer 'Nuclear transcription factor Y subunit beta'
3 polymer 'Nuclear transcription factor Y subunit gamma'
4 non-polymer 'SODIUM ION'
5 water water
#
loop_
_entity_poly.entity_id
_entity_poly.type
_entity_poly.pdbx_seq_one_letter_code
_entity_poly.pdbx_strand_id
1 'polypeptide(L)' (ACE)VNAKQ(IC0)HRI(MH8)KRRQARAKL(NH2) A
2 'polypeptide(L)'
;GPSFREQDIYLPIANVARIMKNAIPQTGKIAKDAKECVQECVSEFISFITSEASERCHQEKRKTINGEDILFAMSTLGFD
SYVEPLKLYLQKFRE
;
B
3 'polypeptide(L)'
;GPMEEIRNLTVKDFRVQELPLARIKKIMKLDEDVKMISAEAPVLFAKAAQIFITELTLRAWIHTEDNKRRTLQRNDIAMA
ITKFDQFDFLIDIVPR
;
C
#
loop_
_chem_comp.id
_chem_comp.type
_chem_comp.name
_chem_comp.formula
ACE non-polymer 'ACETYL GROUP' 'C2 H4 O'
NA non-polymer 'SODIUM ION' 'Na 1'
NH2 non-polymer 'AMINO GROUP' 'H2 N'
#
# COMPACT_ATOMS: atom_id res chain seq x y z
C ACE A 1 -3.64 -18.75 -3.06
O ACE A 1 -3.18 -17.98 -2.26
CH3 ACE A 1 -3.17 -20.20 -3.10
N VAL A 2 -4.59 -18.42 -3.95
CA VAL A 2 -5.00 -17.02 -4.14
C VAL A 2 -5.99 -16.68 -3.08
N ASN A 3 -5.84 -15.49 -2.47
CA ASN A 3 -6.82 -14.96 -1.53
C ASN A 3 -8.17 -14.71 -2.23
N ALA A 4 -9.21 -15.45 -1.82
CA ALA A 4 -10.52 -15.34 -2.44
C ALA A 4 -11.10 -13.90 -2.38
N LYS A 5 -10.92 -13.22 -1.26
CA LYS A 5 -11.24 -11.76 -1.16
C LYS A 5 -10.58 -10.85 -2.22
N GLN A 6 -9.32 -11.15 -2.56
CA GLN A 6 -8.57 -10.31 -3.50
C GLN A 6 -8.72 -10.67 -4.98
CA IC0 A 7 -8.91 -12.57 -6.53
C3 IC0 A 7 -9.50 -14.00 -6.55
C4 IC0 A 7 -9.30 -14.79 -7.85
C5 IC0 A 7 -10.33 -14.41 -8.88
C IC0 A 7 -9.46 -11.77 -7.71
N IC0 A 7 -9.17 -11.91 -5.27
O IC0 A 7 -8.75 -11.53 -8.69
C6 IC0 A 7 -10.15 -15.10 -10.19
C7 IC0 A 7 -10.08 -14.55 -11.37
N HIS A 8 -10.73 -11.39 -7.57
CA HIS A 8 -11.44 -10.65 -8.61
C HIS A 8 -10.84 -9.31 -8.86
N ARG A 9 -10.44 -8.64 -7.79
CA ARG A 9 -9.79 -7.30 -7.92
C ARG A 9 -8.43 -7.48 -8.60
N ILE A 10 -7.71 -8.56 -8.28
CA ILE A 10 -6.39 -8.80 -8.86
C ILE A 10 -6.49 -9.08 -10.36
N MH8 A 11 -7.42 -9.95 -10.76
CA MH8 A 11 -7.74 -10.14 -12.20
CB1 MH8 A 11 -6.58 -10.80 -12.96
CB2 MH8 A 11 -8.96 -11.04 -12.32
CG MH8 A 11 -8.81 -12.48 -11.89
CD MH8 A 11 -10.16 -13.12 -11.74
C MH8 A 11 -8.06 -8.85 -12.94
O MH8 A 11 -7.52 -8.58 -14.02
N LYS A 12 -8.92 -7.99 -12.38
CA LYS A 12 -9.18 -6.70 -12.98
C LYS A 12 -7.93 -5.79 -13.10
N ARG A 13 -7.13 -5.73 -12.05
CA ARG A 13 -5.96 -4.80 -11.99
C ARG A 13 -4.96 -5.17 -13.08
N ARG A 14 -4.81 -6.46 -13.34
CA ARG A 14 -3.95 -7.00 -14.41
C ARG A 14 -4.40 -6.40 -15.74
N GLN A 15 -5.73 -6.33 -15.96
CA GLN A 15 -6.27 -5.74 -17.16
C GLN A 15 -5.93 -4.26 -17.22
N ALA A 16 -6.06 -3.59 -16.08
CA ALA A 16 -5.84 -2.15 -16.03
C ALA A 16 -4.39 -1.77 -16.34
N ARG A 17 -3.43 -2.52 -15.78
CA ARG A 17 -1.96 -2.26 -15.90
C ARG A 17 -1.46 -2.52 -17.34
N ALA A 18 -1.87 -3.62 -17.97
CA ALA A 18 -1.57 -3.87 -19.38
C ALA A 18 -1.92 -2.62 -20.22
N LYS A 19 -3.11 -2.04 -19.99
CA LYS A 19 -3.61 -0.88 -20.73
C LYS A 19 -2.77 0.37 -20.43
N ILE B 9 4.04 6.39 -11.42
CA ILE B 9 4.40 7.44 -10.39
C ILE B 9 4.42 6.83 -8.97
N TYR B 10 5.38 7.27 -8.12
CA TYR B 10 5.73 6.66 -6.81
C TYR B 10 6.01 7.70 -5.71
N LEU B 11 5.86 7.26 -4.45
CA LEU B 11 6.30 8.08 -3.33
C LEU B 11 7.82 8.22 -3.34
N PRO B 12 8.38 9.35 -2.86
CA PRO B 12 9.84 9.53 -2.78
C PRO B 12 10.49 8.36 -2.04
N ILE B 13 11.62 7.88 -2.57
CA ILE B 13 12.27 6.72 -2.04
C ILE B 13 12.83 7.03 -0.65
N ALA B 14 13.20 8.30 -0.42
CA ALA B 14 13.66 8.73 0.91
C ALA B 14 12.60 8.43 1.96
N ASN B 15 11.37 8.84 1.70
CA ASN B 15 10.26 8.48 2.60
C ASN B 15 10.10 6.98 2.85
N VAL B 16 10.08 6.18 1.77
CA VAL B 16 9.99 4.73 1.90
C VAL B 16 11.15 4.09 2.70
N ALA B 17 12.38 4.50 2.38
CA ALA B 17 13.55 4.03 3.13
C ALA B 17 13.43 4.23 4.67
N ARG B 18 13.04 5.44 5.09
CA ARG B 18 12.87 5.79 6.53
C ARG B 18 11.78 4.92 7.18
N ILE B 19 10.68 4.60 6.50
CA ILE B 19 9.71 3.73 7.15
C ILE B 19 10.31 2.30 7.29
N MET B 20 10.99 1.83 6.23
CA MET B 20 11.54 0.48 6.21
C MET B 20 12.58 0.29 7.25
N LYS B 21 13.47 1.28 7.39
CA LYS B 21 14.46 1.23 8.41
C LYS B 21 13.93 1.29 9.84
N ASN B 22 12.79 1.96 10.07
CA ASN B 22 12.16 1.85 11.39
C ASN B 22 11.65 0.45 11.70
N ALA B 23 11.23 -0.27 10.65
CA ALA B 23 10.71 -1.62 10.77
C ALA B 23 11.74 -2.65 11.19
N ILE B 24 12.95 -2.55 10.65
CA ILE B 24 14.01 -3.51 10.95
C ILE B 24 14.87 -3.10 12.16
N PRO B 25 15.72 -4.00 12.73
CA PRO B 25 16.69 -3.64 13.76
C PRO B 25 17.73 -2.60 13.31
N GLN B 26 18.28 -1.84 14.26
CA GLN B 26 19.27 -0.79 14.00
C GLN B 26 20.43 -1.28 13.11
N THR B 27 21.16 -2.29 13.62
CA THR B 27 22.10 -3.14 12.89
C THR B 27 21.84 -3.48 11.38
N GLY B 28 20.58 -3.66 10.99
CA GLY B 28 20.20 -4.13 9.67
C GLY B 28 20.61 -3.23 8.53
N LYS B 29 20.43 -3.72 7.29
CA LYS B 29 20.62 -2.93 6.06
C LYS B 29 19.63 -3.30 4.99
N ILE B 30 19.27 -2.29 4.19
CA ILE B 30 18.34 -2.44 3.12
C ILE B 30 19.07 -2.05 1.84
N ALA B 31 19.06 -2.99 0.89
CA ALA B 31 19.61 -2.83 -0.44
C ALA B 31 18.67 -1.91 -1.23
N LYS B 32 19.25 -1.02 -2.03
CA LYS B 32 18.47 -0.08 -2.82
C LYS B 32 17.36 -0.77 -3.67
N ASP B 33 17.69 -1.90 -4.31
CA ASP B 33 16.75 -2.73 -5.07
C ASP B 33 15.53 -3.21 -4.25
N ALA B 34 15.74 -3.48 -2.95
CA ALA B 34 14.63 -3.74 -2.05
C ALA B 34 13.83 -2.49 -1.70
N LYS B 35 14.44 -1.32 -1.70
CA LYS B 35 13.68 -0.07 -1.55
C LYS B 35 12.82 0.32 -2.80
N GLU B 36 13.41 0.17 -4.00
CA GLU B 36 12.75 0.42 -5.28
C GLU B 36 11.53 -0.50 -5.36
N CYS B 37 11.71 -1.77 -5.00
CA CYS B 37 10.65 -2.77 -4.97
C CYS B 37 9.44 -2.43 -4.05
N VAL B 38 9.74 -1.97 -2.83
CA VAL B 38 8.70 -1.51 -1.91
C VAL B 38 8.01 -0.21 -2.46
N GLN B 39 8.79 0.64 -3.09
CA GLN B 39 8.26 1.74 -3.82
C GLN B 39 7.13 1.29 -4.78
N GLU B 40 7.43 0.35 -5.67
CA GLU B 40 6.47 -0.17 -6.63
C GLU B 40 5.26 -0.77 -5.92
N CYS B 41 5.52 -1.61 -4.92
CA CYS B 41 4.48 -2.23 -4.12
C CYS B 41 3.47 -1.22 -3.54
N VAL B 42 3.97 -0.13 -2.97
CA VAL B 42 3.13 0.89 -2.37
C VAL B 42 2.15 1.50 -3.38
N SER B 43 2.65 1.87 -4.57
CA SER B 43 1.82 2.38 -5.67
C SER B 43 0.76 1.40 -6.07
N GLU B 44 1.12 0.12 -6.12
CA GLU B 44 0.16 -0.91 -6.41
C GLU B 44 -0.84 -1.10 -5.25
N PHE B 45 -0.37 -1.02 -4.00
CA PHE B 45 -1.32 -1.02 -2.88
C PHE B 45 -2.44 0.08 -3.07
N ILE B 46 -2.01 1.29 -3.37
CA ILE B 46 -2.93 2.40 -3.60
C ILE B 46 -3.90 2.18 -4.76
N SER B 47 -3.40 1.68 -5.90
CA SER B 47 -4.17 1.50 -7.15
C SER B 47 -5.21 0.41 -7.04
N PHE B 48 -4.89 -0.56 -6.22
CA PHE B 48 -5.67 -1.76 -5.99
C PHE B 48 -6.84 -1.50 -5.07
N ILE B 49 -6.59 -0.78 -3.97
CA ILE B 49 -7.65 -0.24 -3.12
C ILE B 49 -8.55 0.72 -3.91
N THR B 50 -7.93 1.71 -4.57
CA THR B 50 -8.62 2.74 -5.35
C THR B 50 -9.55 2.17 -6.38
N SER B 51 -9.02 1.22 -7.16
CA SER B 51 -9.80 0.44 -8.10
C SER B 51 -11.06 -0.21 -7.50
N GLU B 52 -10.94 -0.83 -6.33
CA GLU B 52 -12.11 -1.40 -5.64
C GLU B 52 -13.11 -0.35 -5.20
N ALA B 53 -12.65 0.68 -4.48
CA ALA B 53 -13.48 1.82 -4.07
C ALA B 53 -14.21 2.42 -5.27
N SER B 54 -13.47 2.65 -6.35
CA SER B 54 -13.97 3.32 -7.55
C SER B 54 -15.03 2.55 -8.35
N GLU B 55 -14.86 1.22 -8.43
CA GLU B 55 -15.80 0.38 -9.17
C GLU B 55 -17.14 0.43 -8.43
N ARG B 56 -17.09 0.42 -7.09
CA ARG B 56 -18.26 0.59 -6.19
C ARG B 56 -18.97 1.93 -6.45
N CYS B 57 -18.24 3.05 -6.54
CA CYS B 57 -18.85 4.38 -6.69
C CYS B 57 -19.54 4.56 -7.99
N HIS B 58 -18.99 3.94 -9.03
CA HIS B 58 -19.57 3.96 -10.38
C HIS B 58 -20.91 3.20 -10.45
N GLN B 59 -20.95 2.01 -9.81
CA GLN B 59 -22.19 1.24 -9.73
C GLN B 59 -23.38 2.05 -9.12
N GLU B 60 -23.08 2.91 -8.13
CA GLU B 60 -24.11 3.71 -7.44
C GLU B 60 -24.05 5.21 -7.91
N LYS B 61 -23.61 5.34 -9.24
CA LYS B 61 -23.36 6.63 -9.95
C LYS B 61 -22.91 7.82 -9.09
N ARG B 62 -21.89 7.57 -8.25
CA ARG B 62 -21.27 8.53 -7.30
C ARG B 62 -19.98 9.07 -7.93
N LYS B 63 -19.82 10.40 -7.96
CA LYS B 63 -18.75 11.07 -8.70
C LYS B 63 -17.47 11.33 -7.86
N THR B 64 -17.57 11.19 -6.52
CA THR B 64 -16.42 11.31 -5.63
C THR B 64 -16.12 9.99 -4.88
N ILE B 65 -14.84 9.60 -4.85
CA ILE B 65 -14.35 8.61 -3.93
C ILE B 65 -14.11 9.30 -2.56
N ASN B 66 -14.87 8.88 -1.55
CA ASN B 66 -14.80 9.40 -0.19
C ASN B 66 -13.95 8.47 0.61
N GLY B 67 -13.59 8.91 1.82
CA GLY B 67 -12.76 8.14 2.74
C GLY B 67 -13.37 6.82 3.19
N GLU B 68 -14.70 6.80 3.33
CA GLU B 68 -15.49 5.62 3.70
C GLU B 68 -15.42 4.55 2.63
N ASP B 69 -15.43 4.97 1.37
CA ASP B 69 -15.23 4.09 0.24
C ASP B 69 -13.92 3.34 0.29
N ILE B 70 -12.84 4.08 0.50
CA ILE B 70 -11.52 3.52 0.71
C ILE B 70 -11.48 2.50 1.87
N LEU B 71 -11.94 2.95 3.05
CA LEU B 71 -11.96 2.16 4.26
C LEU B 71 -12.79 0.88 4.13
N PHE B 72 -13.94 0.99 3.48
CA PHE B 72 -14.73 -0.20 3.12
C PHE B 72 -14.03 -1.12 2.11
N ALA B 73 -13.22 -0.53 1.22
CA ALA B 73 -12.53 -1.31 0.19
C ALA B 73 -11.43 -2.13 0.79
N MET B 74 -10.72 -1.51 1.74
CA MET B 74 -9.75 -2.19 2.58
C MET B 74 -10.37 -3.34 3.32
N SER B 75 -11.46 -3.07 4.04
CA SER B 75 -12.11 -4.11 4.81
C SER B 75 -12.44 -5.34 3.94
N THR B 76 -13.06 -5.08 2.80
CA THR B 76 -13.52 -6.08 1.87
C THR B 76 -12.35 -6.93 1.31
N LEU B 77 -11.26 -6.26 0.92
CA LEU B 77 -10.06 -6.91 0.37
C LEU B 77 -9.09 -7.57 1.38
N GLY B 78 -9.53 -7.73 2.65
CA GLY B 78 -8.70 -8.30 3.70
C GLY B 78 -7.66 -7.38 4.34
N PHE B 79 -7.88 -6.08 4.36
CA PHE B 79 -7.07 -5.16 5.18
C PHE B 79 -7.88 -4.57 6.30
N ASP B 80 -8.87 -5.33 6.78
CA ASP B 80 -9.73 -4.91 7.84
C ASP B 80 -9.01 -4.37 9.09
N SER B 81 -7.82 -4.91 9.40
CA SER B 81 -7.04 -4.47 10.56
C SER B 81 -6.55 -3.02 10.43
N TYR B 82 -6.41 -2.52 9.21
CA TYR B 82 -5.98 -1.14 8.92
C TYR B 82 -7.04 -0.10 9.32
N VAL B 83 -8.30 -0.52 9.40
CA VAL B 83 -9.44 0.39 9.55
C VAL B 83 -9.44 1.29 10.83
N GLU B 84 -9.29 0.69 12.03
CA GLU B 84 -9.32 1.52 13.27
C GLU B 84 -8.15 2.51 13.34
N PRO B 85 -6.90 2.10 13.05
CA PRO B 85 -5.76 3.03 12.95
C PRO B 85 -5.93 4.19 11.94
N LEU B 86 -6.40 3.87 10.73
CA LEU B 86 -6.66 4.90 9.75
C LEU B 86 -7.69 5.91 10.27
N LYS B 87 -8.77 5.41 10.90
CA LYS B 87 -9.86 6.24 11.38
C LYS B 87 -9.39 7.19 12.45
N LEU B 88 -8.54 6.67 13.32
CA LEU B 88 -7.98 7.37 14.44
C LEU B 88 -6.97 8.42 13.96
N TYR B 89 -6.18 8.04 12.95
CA TYR B 89 -5.22 8.97 12.31
C TYR B 89 -6.00 10.13 11.66
N LEU B 90 -7.14 9.82 11.02
CA LEU B 90 -8.04 10.88 10.53
C LEU B 90 -8.54 11.75 11.68
N GLN B 91 -9.12 11.15 12.72
CA GLN B 91 -9.64 11.91 13.86
C GLN B 91 -8.53 12.83 14.29
N LYS B 92 -7.41 12.23 14.69
CA LYS B 92 -6.27 12.93 15.21
C LYS B 92 -5.89 14.09 14.29
N PHE B 93 -5.84 13.79 12.99
CA PHE B 93 -5.33 14.72 12.01
C PHE B 93 -6.13 16.01 12.01
N ARG B 94 -7.42 15.91 11.71
CA ARG B 94 -8.29 17.08 11.47
C ARG B 94 -9.05 17.40 12.77
N GLU B 95 -8.70 16.71 13.87
CA GLU B 95 -9.23 17.09 15.17
C GLU B 95 -9.16 18.59 15.14
N LYS C 12 6.82 9.09 13.96
CA LYS C 12 5.61 8.34 14.40
C LYS C 12 4.47 8.61 13.38
N ASP C 13 3.42 9.32 13.81
CA ASP C 13 2.41 9.86 12.91
C ASP C 13 3.02 11.02 12.09
N PHE C 14 3.98 11.74 12.68
CA PHE C 14 4.62 12.90 12.05
C PHE C 14 5.49 12.53 10.84
N ARG C 15 6.24 11.44 10.96
CA ARG C 15 6.88 10.81 9.77
C ARG C 15 5.81 10.78 8.66
N VAL C 16 4.61 10.27 8.96
CA VAL C 16 3.49 10.14 7.99
C VAL C 16 3.01 11.49 7.36
N GLN C 17 3.06 12.56 8.16
CA GLN C 17 2.73 13.93 7.71
C GLN C 17 3.67 14.45 6.64
N GLU C 18 4.89 13.91 6.60
CA GLU C 18 5.85 14.28 5.58
C GLU C 18 5.56 13.67 4.21
N LEU C 19 4.61 12.74 4.11
CA LEU C 19 4.30 12.05 2.82
C LEU C 19 3.50 12.91 1.84
N PRO C 20 3.95 13.07 0.56
CA PRO C 20 3.38 14.07 -0.33
C PRO C 20 1.98 13.61 -0.77
N LEU C 21 0.96 14.37 -0.37
CA LEU C 21 -0.41 14.04 -0.67
C LEU C 21 -0.69 14.13 -2.17
N ALA C 22 -0.03 15.06 -2.85
CA ALA C 22 -0.24 15.26 -4.27
C ALA C 22 0.18 14.04 -5.01
N ARG C 23 1.24 13.40 -4.53
CA ARG C 23 1.83 12.25 -5.25
C ARG C 23 0.77 11.13 -5.15
N ILE C 24 0.19 10.95 -3.96
CA ILE C 24 -0.87 9.98 -3.75
C ILE C 24 -2.16 10.25 -4.61
N LYS C 25 -2.57 11.51 -4.71
CA LYS C 25 -3.70 11.89 -5.53
C LYS C 25 -3.42 11.55 -7.02
N LYS C 26 -2.20 11.81 -7.46
CA LYS C 26 -1.76 11.54 -8.82
C LYS C 26 -1.82 10.03 -9.15
N ILE C 27 -1.45 9.20 -8.20
CA ILE C 27 -1.52 7.76 -8.39
C ILE C 27 -2.98 7.30 -8.50
N MET C 28 -3.81 7.77 -7.55
CA MET C 28 -5.23 7.45 -7.50
C MET C 28 -5.88 7.80 -8.81
N LYS C 29 -5.47 8.93 -9.39
CA LYS C 29 -6.03 9.45 -10.63
C LYS C 29 -5.62 8.68 -11.91
N LEU C 30 -4.76 7.68 -11.78
CA LEU C 30 -4.43 6.83 -12.93
C LEU C 30 -5.60 5.94 -13.28
N ASP C 31 -6.35 5.58 -12.24
CA ASP C 31 -7.55 4.75 -12.32
C ASP C 31 -8.56 5.38 -13.28
N GLU C 32 -8.99 4.59 -14.26
CA GLU C 32 -9.92 5.01 -15.32
C GLU C 32 -11.27 5.52 -14.88
N ASP C 33 -11.72 5.12 -13.66
CA ASP C 33 -13.05 5.49 -13.12
C ASP C 33 -13.10 6.49 -11.96
N VAL C 34 -12.03 7.28 -11.83
CA VAL C 34 -11.82 8.22 -10.73
C VAL C 34 -11.69 9.54 -11.36
N LYS C 35 -12.62 10.44 -11.07
CA LYS C 35 -12.52 11.85 -11.47
C LYS C 35 -12.28 12.65 -10.22
N MET C 36 -13.29 12.74 -9.35
CA MET C 36 -13.18 13.49 -8.12
C MET C 36 -12.81 12.59 -6.95
N ILE C 37 -11.90 13.09 -6.12
CA ILE C 37 -11.41 12.40 -4.94
C ILE C 37 -11.56 13.39 -3.81
N SER C 38 -12.18 12.95 -2.71
CA SER C 38 -12.19 13.69 -1.45
C SER C 38 -10.77 13.90 -0.90
N ALA C 39 -10.59 14.99 -0.16
CA ALA C 39 -9.32 15.31 0.49
C ALA C 39 -8.87 14.23 1.46
N GLU C 40 -9.81 13.67 2.23
CA GLU C 40 -9.56 12.60 3.20
C GLU C 40 -8.72 11.44 2.65
N ALA C 41 -9.05 11.03 1.42
CA ALA C 41 -8.47 9.84 0.77
C ALA C 41 -6.94 9.76 0.78
N PRO C 42 -6.22 10.76 0.23
CA PRO C 42 -4.76 10.69 0.21
C PRO C 42 -4.22 10.61 1.65
N VAL C 43 -4.84 11.33 2.58
CA VAL C 43 -4.45 11.29 3.98
C VAL C 43 -4.52 9.86 4.50
N LEU C 44 -5.68 9.20 4.32
CA LEU C 44 -5.80 7.80 4.72
C LEU C 44 -4.76 6.94 4.07
N PHE C 45 -4.52 7.13 2.78
CA PHE C 45 -3.49 6.35 2.09
C PHE C 45 -2.08 6.56 2.64
N ALA C 46 -1.77 7.79 3.04
CA ALA C 46 -0.48 8.15 3.64
C ALA C 46 -0.19 7.21 4.83
N LYS C 47 -1.14 7.16 5.78
CA LYS C 47 -1.05 6.27 6.91
C LYS C 47 -1.08 4.80 6.52
N ALA C 48 -2.05 4.43 5.71
CA ALA C 48 -2.04 3.07 5.19
C ALA C 48 -0.65 2.68 4.59
N ALA C 49 0.00 3.63 3.91
CA ALA C 49 1.26 3.37 3.24
C ALA C 49 2.29 2.97 4.28
N GLN C 50 2.29 3.70 5.40
CA GLN C 50 3.17 3.41 6.50
C GLN C 50 2.94 2.01 7.09
N ILE C 51 1.70 1.69 7.45
CA ILE C 51 1.38 0.35 7.96
C ILE C 51 1.77 -0.79 7.00
N PHE C 52 1.49 -0.59 5.72
CA PHE C 52 1.76 -1.58 4.69
C PHE C 52 3.28 -1.81 4.62
N ILE C 53 4.08 -0.73 4.55
CA ILE C 53 5.52 -0.83 4.30
C ILE C 53 6.16 -1.57 5.49
N THR C 54 5.77 -1.14 6.69
CA THR C 54 6.21 -1.76 7.90
C THR C 54 5.97 -3.24 7.98
N GLU C 55 4.77 -3.69 7.64
CA GLU C 55 4.50 -5.09 7.79
C GLU C 55 5.22 -5.86 6.68
N LEU C 56 5.29 -5.25 5.50
CA LEU C 56 5.91 -5.89 4.35
C LEU C 56 7.34 -6.19 4.68
N THR C 57 8.03 -5.22 5.33
CA THR C 57 9.46 -5.33 5.59
C THR C 57 9.76 -6.26 6.76
N LEU C 58 8.98 -6.18 7.84
CA LEU C 58 9.08 -7.13 8.95
C LEU C 58 9.08 -8.54 8.43
N ARG C 59 8.19 -8.80 7.49
CA ARG C 59 7.92 -10.16 6.96
C ARG C 59 9.05 -10.55 6.01
N ALA C 60 9.58 -9.60 5.23
CA ALA C 60 10.75 -9.85 4.38
C ALA C 60 12.02 -10.14 5.23
N TRP C 61 12.11 -9.42 6.36
CA TRP C 61 13.21 -9.53 7.29
C TRP C 61 13.41 -10.92 7.85
N ILE C 62 12.31 -11.62 8.14
CA ILE C 62 12.32 -13.04 8.52
C ILE C 62 13.16 -13.90 7.57
N HIS C 63 13.09 -13.57 6.28
CA HIS C 63 13.72 -14.37 5.25
C HIS C 63 15.15 -13.93 5.10
N THR C 64 15.40 -12.62 5.30
CA THR C 64 16.77 -12.10 5.36
C THR C 64 17.64 -12.83 6.41
N GLU C 65 17.04 -13.06 7.58
CA GLU C 65 17.70 -13.66 8.74
C GLU C 65 17.81 -15.16 8.62
N ASP C 66 16.75 -15.82 8.13
CA ASP C 66 16.81 -17.26 7.86
C ASP C 66 18.01 -17.57 6.96
N ASN C 67 18.21 -16.75 5.93
CA ASN C 67 19.41 -16.78 5.11
C ASN C 67 20.71 -16.21 5.70
N LYS C 68 20.72 -15.91 7.00
CA LYS C 68 21.91 -15.37 7.64
C LYS C 68 22.60 -14.23 6.84
N ARG C 69 21.87 -13.12 6.66
CA ARG C 69 22.35 -11.83 6.13
C ARG C 69 21.77 -10.70 6.98
N ARG C 70 22.43 -9.53 7.01
CA ARG C 70 21.91 -8.33 7.71
C ARG C 70 21.42 -7.34 6.65
N THR C 71 21.39 -7.76 5.38
CA THR C 71 20.92 -6.97 4.26
C THR C 71 19.64 -7.53 3.62
N LEU C 72 18.61 -6.68 3.56
CA LEU C 72 17.30 -7.04 3.09
C LEU C 72 17.20 -6.81 1.56
N GLN C 73 16.80 -7.87 0.84
CA GLN C 73 16.90 -7.92 -0.60
C GLN C 73 15.56 -8.21 -1.27
N ARG C 74 15.47 -7.92 -2.56
CA ARG C 74 14.21 -8.01 -3.34
C ARG C 74 13.62 -9.42 -3.21
N ASN C 75 14.45 -10.46 -3.10
CA ASN C 75 13.94 -11.81 -2.93
C ASN C 75 13.41 -12.09 -1.51
N ASP C 76 13.74 -11.24 -0.52
CA ASP C 76 13.23 -11.41 0.85
C ASP C 76 11.80 -10.94 0.83
N ILE C 77 11.58 -9.84 0.10
CA ILE C 77 10.26 -9.30 -0.21
C ILE C 77 9.41 -10.30 -0.99
N ALA C 78 9.92 -10.72 -2.14
CA ALA C 78 9.27 -11.76 -2.90
C ALA C 78 8.85 -13.01 -2.05
N MET C 79 9.71 -13.52 -1.17
CA MET C 79 9.35 -14.70 -0.38
C MET C 79 8.17 -14.39 0.54
N ALA C 80 8.19 -13.21 1.17
CA ALA C 80 7.14 -12.76 2.08
C ALA C 80 5.76 -12.55 1.43
N ILE C 81 5.77 -12.02 0.20
CA ILE C 81 4.56 -11.89 -0.58
C ILE C 81 3.86 -13.26 -0.75
N THR C 82 4.64 -14.32 -0.93
CA THR C 82 4.12 -15.67 -1.15
C THR C 82 3.70 -16.38 0.15
N LYS C 83 4.23 -15.97 1.30
CA LYS C 83 3.92 -16.63 2.58
C LYS C 83 2.79 -15.97 3.30
N PHE C 84 2.36 -14.81 2.76
CA PHE C 84 1.26 -14.02 3.32
C PHE C 84 0.12 -13.71 2.30
N ASP C 85 -1.06 -14.31 2.53
CA ASP C 85 -2.20 -14.19 1.66
C ASP C 85 -2.69 -12.77 1.43
N GLN C 86 -2.35 -11.87 2.33
CA GLN C 86 -2.76 -10.47 2.23
C GLN C 86 -1.97 -9.69 1.13
N PHE C 87 -0.81 -10.25 0.74
CA PHE C 87 0.11 -9.71 -0.25
C PHE C 87 -0.03 -10.33 -1.64
N ASP C 88 -1.07 -11.15 -1.86
CA ASP C 88 -1.30 -11.77 -3.16
C ASP C 88 -1.50 -10.81 -4.29
N PHE C 89 -2.03 -9.61 -4.01
CA PHE C 89 -2.26 -8.61 -5.06
C PHE C 89 -0.92 -8.11 -5.67
N LEU C 90 0.18 -8.46 -5.01
CA LEU C 90 1.52 -8.09 -5.42
C LEU C 90 2.21 -9.12 -6.33
N ILE C 91 1.61 -10.30 -6.49
CA ILE C 91 2.12 -11.35 -7.37
C ILE C 91 2.76 -10.85 -8.70
N ASP C 92 2.11 -9.90 -9.37
CA ASP C 92 2.57 -9.38 -10.67
C ASP C 92 3.70 -8.38 -10.54
N ILE C 93 3.84 -7.76 -9.37
CA ILE C 93 4.76 -6.67 -9.15
C ILE C 93 6.13 -7.31 -8.96
N VAL C 94 6.21 -8.28 -8.03
CA VAL C 94 7.45 -8.95 -7.63
C VAL C 94 7.44 -10.40 -8.10
N PRO C 95 7.80 -10.70 -9.38
CA PRO C 95 7.90 -12.08 -9.84
C PRO C 95 9.03 -12.87 -9.15
NA NA D . -1.66 -16.34 -1.65
#